data_8AVN
#
_entry.id   8AVN
#
_cell.length_a   46.490
_cell.length_b   69.710
_cell.length_c   58.010
_cell.angle_alpha   90.000
_cell.angle_beta   100.240
_cell.angle_gamma   90.000
#
_symmetry.space_group_name_H-M   'P 1 21 1'
#
loop_
_entity.id
_entity.type
_entity.pdbx_description
1 polymer 'Superoxide dismutase'
2 non-polymer 'MANGANESE (II) ION'
3 water water
#
_entity_poly.entity_id   1
_entity_poly.type   'polypeptide(L)'
_entity_poly.pdbx_seq_one_letter_code
;MKHELPPLPYAYNALEPFIDAKTLEIHHTKHHQSYVDKLNAALEKYPDLQDKTVEELIKSLNELPEEIRTTVRNNAGGHF
SHTLYWNIMNPATQEYIPEELGNALVETFGSIIAFKEQFSKAAANIFGSGWVWLAADANKKLKIVSTTGQDNPLMTGDAP
LMGIDIWEHAYYLHYQNRRPEYIENWWNVLDWKAVEERYNALG
;
_entity_poly.pdbx_strand_id   A,B
#
loop_
_chem_comp.id
_chem_comp.type
_chem_comp.name
_chem_comp.formula
MN non-polymer 'MANGANESE (II) ION' 'Mn 2'
#
# COMPACT_ATOMS: atom_id res chain seq x y z
N LYS A 2 6.61 25.24 -8.92
CA LYS A 2 6.39 26.40 -8.04
C LYS A 2 5.78 25.98 -6.71
N HIS A 3 5.10 24.81 -6.60
CA HIS A 3 4.88 24.33 -5.23
C HIS A 3 6.22 23.92 -4.67
N GLU A 4 6.43 24.17 -3.36
CA GLU A 4 7.67 23.83 -2.70
C GLU A 4 7.36 22.92 -1.54
N LEU A 5 8.29 22.05 -1.21
CA LEU A 5 8.14 21.22 -0.03
C LEU A 5 8.52 22.05 1.17
N PRO A 6 7.62 22.26 2.14
CA PRO A 6 7.96 23.07 3.30
C PRO A 6 8.94 22.32 4.21
N PRO A 7 9.77 23.01 5.03
CA PRO A 7 10.62 22.34 6.00
C PRO A 7 9.62 21.75 6.97
N LEU A 8 10.01 20.68 7.66
CA LEU A 8 9.22 20.18 8.78
C LEU A 8 9.19 21.26 9.84
N PRO A 9 8.12 21.33 10.64
CA PRO A 9 8.10 22.21 11.82
C PRO A 9 9.01 21.79 12.98
N TYR A 10 9.81 20.73 12.80
CA TYR A 10 10.62 20.15 13.86
C TYR A 10 11.74 19.36 13.17
N ALA A 11 12.79 19.06 13.95
CA ALA A 11 13.91 18.28 13.44
C ALA A 11 13.46 16.85 13.12
N TYR A 12 14.12 16.21 12.16
CA TYR A 12 13.83 14.83 11.75
C TYR A 12 13.94 13.83 12.91
N ASN A 13 14.69 14.16 13.97
CA ASN A 13 14.75 13.25 15.12
C ASN A 13 13.85 13.70 16.28
N ALA A 14 12.99 14.69 16.06
CA ALA A 14 12.22 15.28 17.15
C ALA A 14 11.03 14.43 17.61
N LEU A 15 10.62 13.40 16.86
CA LEU A 15 9.46 12.58 17.23
C LEU A 15 9.88 11.21 17.76
N GLU A 16 11.19 11.09 18.04
CA GLU A 16 11.71 9.88 18.68
C GLU A 16 11.13 9.75 20.08
N PRO A 17 10.88 8.53 20.61
CA PRO A 17 11.06 7.29 19.88
C PRO A 17 9.86 6.79 19.03
N PHE A 18 8.83 7.62 18.92
CA PHE A 18 7.53 7.23 18.37
C PHE A 18 7.60 7.03 16.85
N ILE A 19 8.27 7.94 16.19
CA ILE A 19 8.68 7.83 14.82
C ILE A 19 10.19 8.03 14.77
N ASP A 20 10.88 7.10 14.10
CA ASP A 20 12.34 7.07 14.00
C ASP A 20 12.77 8.19 13.05
N ALA A 21 13.97 8.71 13.32
CA ALA A 21 14.49 9.81 12.53
C ALA A 21 14.69 9.44 11.07
N LYS A 22 15.25 8.24 10.84
CA LYS A 22 15.54 7.82 9.49
C LYS A 22 14.24 7.85 8.68
N THR A 23 13.17 7.26 9.22
CA THR A 23 11.86 7.29 8.58
C THR A 23 11.37 8.72 8.36
N LEU A 24 11.42 9.55 9.39
CA LEU A 24 10.87 10.87 9.21
C LEU A 24 11.60 11.60 8.06
N GLU A 25 12.92 11.42 8.00
CA GLU A 25 13.70 12.05 6.94
C GLU A 25 13.34 11.48 5.56
N ILE A 26 13.29 10.14 5.40
CA ILE A 26 12.95 9.56 4.10
C ILE A 26 11.52 9.94 3.72
N HIS A 27 10.63 9.89 4.71
CA HIS A 27 9.22 10.13 4.49
C HIS A 27 9.04 11.53 3.90
N HIS A 28 9.80 12.48 4.45
CA HIS A 28 9.71 13.88 4.04
C HIS A 28 10.47 14.13 2.75
N THR A 29 11.77 13.77 2.74
CA THR A 29 12.68 14.19 1.67
C THR A 29 12.63 13.28 0.45
N LYS A 30 12.05 12.08 0.56
CA LYS A 30 11.93 11.16 -0.57
C LYS A 30 10.45 11.10 -0.97
N HIS A 31 9.57 10.60 -0.06
CA HIS A 31 8.19 10.35 -0.43
C HIS A 31 7.49 11.69 -0.66
N HIS A 32 7.46 12.59 0.35
CA HIS A 32 6.71 13.82 0.21
C HIS A 32 7.30 14.67 -0.92
N GLN A 33 8.64 14.78 -0.97
CA GLN A 33 9.31 15.49 -2.04
C GLN A 33 8.82 14.96 -3.40
N SER A 34 8.67 13.62 -3.54
CA SER A 34 8.31 13.07 -4.84
C SER A 34 6.90 13.51 -5.22
N TYR A 35 5.99 13.62 -4.25
CA TYR A 35 4.64 14.04 -4.55
C TYR A 35 4.69 15.49 -5.06
N VAL A 36 5.52 16.32 -4.44
CA VAL A 36 5.60 17.71 -4.89
C VAL A 36 6.22 17.75 -6.29
N ASP A 37 7.32 17.03 -6.52
CA ASP A 37 7.98 17.03 -7.84
C ASP A 37 7.07 16.49 -8.93
N LYS A 38 6.31 15.44 -8.61
CA LYS A 38 5.41 14.90 -9.63
C LYS A 38 4.25 15.85 -9.90
N LEU A 39 3.73 16.47 -8.84
CA LEU A 39 2.64 17.41 -9.02
C LEU A 39 3.12 18.57 -9.91
N ASN A 40 4.29 19.10 -9.57
CA ASN A 40 4.86 20.22 -10.32
C ASN A 40 5.06 19.84 -11.78
N ALA A 41 5.57 18.62 -12.07
CA ALA A 41 5.81 18.22 -13.45
C ALA A 41 4.48 18.25 -14.19
N ALA A 42 3.42 17.75 -13.56
CA ALA A 42 2.14 17.73 -14.25
C ALA A 42 1.65 19.15 -14.48
N LEU A 43 1.85 20.01 -13.48
CA LEU A 43 1.22 21.31 -13.59
C LEU A 43 2.00 22.23 -14.55
N GLU A 44 3.29 21.92 -14.74
CA GLU A 44 4.13 22.61 -15.71
C GLU A 44 3.59 22.43 -17.12
N LYS A 45 2.86 21.31 -17.36
CA LYS A 45 2.25 21.07 -18.66
C LYS A 45 0.99 21.91 -18.85
N TYR A 46 0.38 22.32 -17.75
CA TYR A 46 -0.87 23.08 -17.77
C TYR A 46 -0.71 24.25 -16.81
N PRO A 47 0.13 25.23 -17.13
CA PRO A 47 0.61 26.18 -16.13
C PRO A 47 -0.46 27.04 -15.45
N ASP A 48 -1.65 27.22 -16.06
CA ASP A 48 -2.73 27.94 -15.40
C ASP A 48 -3.21 27.23 -14.11
N LEU A 49 -2.92 25.95 -13.97
CA LEU A 49 -3.22 25.23 -12.74
C LEU A 49 -2.22 25.57 -11.62
N GLN A 50 -1.10 26.21 -11.94
CA GLN A 50 -0.08 26.49 -10.92
C GLN A 50 -0.59 27.51 -9.92
N ASP A 51 -1.66 28.21 -10.31
CA ASP A 51 -2.24 29.26 -9.46
C ASP A 51 -3.30 28.70 -8.51
N LYS A 52 -3.62 27.42 -8.62
CA LYS A 52 -4.65 26.83 -7.78
C LYS A 52 -3.97 26.33 -6.52
N THR A 53 -4.69 26.36 -5.40
CA THR A 53 -4.27 25.69 -4.18
C THR A 53 -4.34 24.17 -4.42
N VAL A 54 -3.60 23.40 -3.62
CA VAL A 54 -3.75 21.96 -3.78
C VAL A 54 -5.18 21.57 -3.45
N GLU A 55 -5.84 22.26 -2.51
CA GLU A 55 -7.20 21.92 -2.12
C GLU A 55 -8.14 22.15 -3.29
N GLU A 56 -7.97 23.27 -4.00
CA GLU A 56 -8.78 23.54 -5.20
C GLU A 56 -8.55 22.45 -6.25
N LEU A 57 -7.30 22.02 -6.44
CA LEU A 57 -7.04 20.97 -7.41
C LEU A 57 -7.81 19.71 -7.04
N ILE A 58 -7.69 19.27 -5.77
CA ILE A 58 -8.30 18.04 -5.31
C ILE A 58 -9.81 18.10 -5.48
N LYS A 59 -10.41 19.26 -5.21
CA LYS A 59 -11.84 19.38 -5.26
C LYS A 59 -12.35 19.55 -6.69
N SER A 60 -11.48 19.70 -7.70
CA SER A 60 -11.96 19.91 -9.05
C SER A 60 -11.29 18.94 -10.05
N LEU A 61 -10.98 17.74 -9.59
CA LEU A 61 -10.21 16.77 -10.38
C LEU A 61 -10.86 16.54 -11.73
N ASN A 62 -12.19 16.51 -11.73
CA ASN A 62 -12.93 16.12 -12.91
C ASN A 62 -12.81 17.22 -13.97
N GLU A 63 -12.44 18.44 -13.58
CA GLU A 63 -12.25 19.58 -14.46
C GLU A 63 -10.80 19.63 -14.97
N LEU A 64 -9.87 18.82 -14.44
CA LEU A 64 -8.50 18.90 -14.90
C LEU A 64 -8.35 18.08 -16.17
N PRO A 65 -7.32 18.36 -16.99
CA PRO A 65 -7.12 17.56 -18.21
C PRO A 65 -6.89 16.09 -17.86
N GLU A 66 -7.53 15.24 -18.65
CA GLU A 66 -7.51 13.81 -18.35
C GLU A 66 -6.08 13.28 -18.26
N GLU A 67 -5.20 13.80 -19.13
CA GLU A 67 -3.81 13.39 -19.22
C GLU A 67 -3.18 13.39 -17.83
N ILE A 68 -3.54 14.36 -16.97
CA ILE A 68 -2.81 14.55 -15.70
C ILE A 68 -3.69 14.28 -14.48
N ARG A 69 -4.92 13.82 -14.71
CA ARG A 69 -5.93 13.86 -13.66
C ARG A 69 -5.51 12.94 -12.52
N THR A 70 -5.14 11.71 -12.87
CA THR A 70 -4.68 10.72 -11.90
C THR A 70 -3.43 11.20 -11.18
N THR A 71 -2.45 11.73 -11.96
CA THR A 71 -1.21 12.22 -11.36
C THR A 71 -1.52 13.31 -10.32
N VAL A 72 -2.44 14.19 -10.65
CA VAL A 72 -2.82 15.26 -9.72
C VAL A 72 -3.58 14.70 -8.50
N ARG A 73 -4.57 13.81 -8.72
CA ARG A 73 -5.27 13.17 -7.59
C ARG A 73 -4.25 12.59 -6.59
N ASN A 74 -3.28 11.82 -7.08
CA ASN A 74 -2.37 11.09 -6.21
C ASN A 74 -1.34 12.00 -5.59
N ASN A 75 -0.86 12.97 -6.38
CA ASN A 75 0.28 13.76 -5.93
C ASN A 75 -0.16 15.03 -5.24
N ALA A 76 -1.23 15.69 -5.73
CA ALA A 76 -1.80 16.77 -4.89
C ALA A 76 -2.35 16.17 -3.61
N GLY A 77 -3.05 15.02 -3.75
CA GLY A 77 -3.53 14.31 -2.57
C GLY A 77 -2.39 13.98 -1.61
N GLY A 78 -1.28 13.54 -2.19
CA GLY A 78 -0.13 13.21 -1.36
C GLY A 78 0.47 14.42 -0.68
N HIS A 79 0.54 15.53 -1.41
CA HIS A 79 1.12 16.77 -0.89
C HIS A 79 0.22 17.30 0.24
N PHE A 80 -1.10 17.34 -0.03
CA PHE A 80 -2.04 17.78 0.99
C PHE A 80 -1.93 16.92 2.25
N SER A 81 -1.96 15.61 2.06
CA SER A 81 -2.14 14.70 3.18
C SER A 81 -0.89 14.73 4.06
N HIS A 82 0.29 14.78 3.42
CA HIS A 82 1.52 14.76 4.22
C HIS A 82 1.69 16.10 4.93
N THR A 83 1.30 17.20 4.27
CA THR A 83 1.39 18.52 4.88
C THR A 83 0.60 18.53 6.18
N LEU A 84 -0.64 18.01 6.13
CA LEU A 84 -1.46 17.91 7.31
C LEU A 84 -0.80 17.02 8.37
N TYR A 85 -0.32 15.84 7.96
CA TYR A 85 0.29 14.90 8.88
C TYR A 85 1.41 15.55 9.67
N TRP A 86 2.36 16.20 8.99
CA TRP A 86 3.48 16.81 9.72
C TRP A 86 2.96 17.88 10.68
N ASN A 87 1.96 18.64 10.23
CA ASN A 87 1.47 19.81 10.98
C ASN A 87 0.56 19.44 12.14
N ILE A 88 0.08 18.21 12.21
CA ILE A 88 -0.71 17.79 13.36
C ILE A 88 0.12 16.91 14.28
N MET A 89 1.42 16.78 14.00
CA MET A 89 2.29 16.10 14.94
C MET A 89 3.17 17.16 15.61
N ASN A 90 3.66 16.83 16.80
CA ASN A 90 4.53 17.73 17.56
C ASN A 90 5.36 16.88 18.51
N PRO A 91 6.61 17.26 18.82
CA PRO A 91 7.37 16.59 19.87
C PRO A 91 6.47 16.41 21.08
N ALA A 92 6.51 15.15 21.58
CA ALA A 92 5.56 14.56 22.53
C ALA A 92 5.37 15.53 23.68
N THR A 93 4.11 15.89 23.90
CA THR A 93 3.76 17.05 24.68
C THR A 93 2.70 16.59 25.65
N GLN A 94 2.42 17.41 26.66
CA GLN A 94 1.43 17.02 27.65
C GLN A 94 0.07 16.90 26.97
N GLU A 95 -0.65 15.82 27.29
CA GLU A 95 -2.03 15.64 26.89
C GLU A 95 -2.85 16.85 27.37
N TYR A 96 -3.33 17.63 26.42
CA TYR A 96 -4.36 18.60 26.73
C TYR A 96 -5.19 18.69 25.47
N ILE A 97 -6.46 18.26 25.55
CA ILE A 97 -7.40 18.33 24.44
C ILE A 97 -8.24 19.57 24.64
N PRO A 98 -8.17 20.59 23.76
CA PRO A 98 -9.00 21.78 23.95
C PRO A 98 -10.46 21.40 24.09
N GLU A 99 -11.15 22.26 24.87
CA GLU A 99 -12.51 22.08 25.28
C GLU A 99 -13.42 21.85 24.08
N GLU A 100 -13.35 22.71 23.06
CA GLU A 100 -14.36 22.69 22.00
C GLU A 100 -14.30 21.33 21.30
N LEU A 101 -13.08 20.95 20.95
CA LEU A 101 -12.86 19.69 20.25
C LEU A 101 -13.18 18.50 21.17
N GLY A 102 -12.70 18.53 22.41
CA GLY A 102 -12.94 17.44 23.35
C GLY A 102 -14.44 17.21 23.55
N ASN A 103 -15.18 18.29 23.71
CA ASN A 103 -16.62 18.19 23.89
C ASN A 103 -17.26 17.60 22.65
N ALA A 104 -16.84 18.01 21.45
CA ALA A 104 -17.43 17.50 20.21
C ALA A 104 -17.12 16.00 20.02
N LEU A 105 -15.90 15.59 20.38
CA LEU A 105 -15.54 14.18 20.33
C LEU A 105 -16.42 13.37 21.29
N VAL A 106 -16.62 13.91 22.50
CA VAL A 106 -17.43 13.23 23.52
C VAL A 106 -18.86 13.13 23.02
N GLU A 107 -19.42 14.22 22.48
CA GLU A 107 -20.80 14.20 22.00
C GLU A 107 -20.94 13.21 20.83
N THR A 108 -19.91 13.05 20.00
CA THR A 108 -20.05 12.30 18.77
C THR A 108 -19.82 10.81 18.99
N PHE A 109 -18.77 10.48 19.76
CA PHE A 109 -18.28 9.12 19.87
C PHE A 109 -18.53 8.58 21.29
N GLY A 110 -18.96 9.41 22.24
CA GLY A 110 -19.29 8.92 23.56
C GLY A 110 -18.26 9.30 24.60
N SER A 111 -16.99 9.25 24.22
CA SER A 111 -15.88 9.65 25.08
C SER A 111 -14.63 9.81 24.23
N ILE A 112 -13.58 10.42 24.80
CA ILE A 112 -12.30 10.52 24.11
C ILE A 112 -11.73 9.12 23.84
N ILE A 113 -11.83 8.25 24.83
CA ILE A 113 -11.27 6.91 24.69
C ILE A 113 -12.01 6.16 23.58
N ALA A 114 -13.35 6.24 23.54
CA ALA A 114 -14.14 5.63 22.48
C ALA A 114 -13.72 6.15 21.11
N PHE A 115 -13.45 7.47 20.98
CA PHE A 115 -12.97 8.00 19.71
C PHE A 115 -11.61 7.39 19.33
N LYS A 116 -10.69 7.34 20.30
CA LYS A 116 -9.36 6.87 20.02
C LYS A 116 -9.44 5.40 19.61
N GLU A 117 -10.33 4.65 20.25
CA GLU A 117 -10.50 3.24 19.91
C GLU A 117 -11.03 3.05 18.50
N GLN A 118 -12.06 3.79 18.11
CA GLN A 118 -12.67 3.68 16.78
CA GLN A 118 -12.64 3.65 16.79
C GLN A 118 -11.64 4.07 15.74
N PHE A 119 -10.92 5.15 15.99
CA PHE A 119 -9.91 5.63 15.06
C PHE A 119 -8.80 4.60 14.91
N SER A 120 -8.30 4.03 16.04
CA SER A 120 -7.21 3.07 16.05
C SER A 120 -7.59 1.79 15.30
N LYS A 121 -8.85 1.38 15.49
CA LYS A 121 -9.38 0.18 14.88
CA LYS A 121 -9.39 0.19 14.87
C LYS A 121 -9.53 0.42 13.36
N ALA A 122 -10.01 1.58 12.96
CA ALA A 122 -10.11 1.85 11.52
C ALA A 122 -8.71 1.82 10.89
N ALA A 123 -7.72 2.39 11.58
CA ALA A 123 -6.37 2.42 11.04
C ALA A 123 -5.79 0.99 10.96
N ALA A 124 -6.08 0.16 11.98
CA ALA A 124 -5.58 -1.20 12.01
C ALA A 124 -6.22 -1.99 10.86
N ASN A 125 -7.41 -1.59 10.42
CA ASN A 125 -8.16 -2.33 9.42
C ASN A 125 -7.94 -1.84 7.99
N ILE A 126 -7.15 -0.81 7.77
CA ILE A 126 -6.82 -0.42 6.41
C ILE A 126 -6.18 -1.60 5.67
N PHE A 127 -6.71 -1.85 4.48
CA PHE A 127 -6.15 -2.83 3.57
C PHE A 127 -5.26 -2.14 2.51
N GLY A 128 -3.98 -2.52 2.48
CA GLY A 128 -3.02 -1.88 1.59
C GLY A 128 -2.73 -0.45 2.01
N SER A 129 -2.56 0.45 1.03
CA SER A 129 -2.06 1.78 1.31
C SER A 129 -3.24 2.72 1.49
N GLY A 130 -3.19 3.52 2.56
CA GLY A 130 -4.23 4.50 2.77
C GLY A 130 -4.04 5.32 4.02
N TRP A 131 -5.13 5.98 4.39
CA TRP A 131 -5.18 6.92 5.51
C TRP A 131 -6.45 6.72 6.35
N VAL A 132 -6.38 7.09 7.63
CA VAL A 132 -7.57 7.27 8.43
C VAL A 132 -7.60 8.70 8.93
N TRP A 133 -8.77 9.31 8.81
CA TRP A 133 -9.00 10.71 9.16
C TRP A 133 -10.08 10.90 10.19
N LEU A 134 -9.95 12.02 10.87
CA LEU A 134 -11.06 12.68 11.53
C LEU A 134 -11.40 13.90 10.68
N ALA A 135 -12.66 13.95 10.24
CA ALA A 135 -13.17 14.94 9.30
C ALA A 135 -14.47 15.56 9.82
N ALA A 136 -14.72 16.82 9.41
CA ALA A 136 -15.96 17.50 9.70
C ALA A 136 -16.70 17.81 8.40
N ASP A 137 -18.02 17.65 8.38
CA ASP A 137 -18.78 17.94 7.18
C ASP A 137 -19.18 19.40 7.22
N ALA A 138 -19.98 19.81 6.23
CA ALA A 138 -20.35 21.20 6.05
C ALA A 138 -20.97 21.80 7.31
N ASN A 139 -21.64 20.97 8.12
CA ASN A 139 -22.24 21.40 9.38
C ASN A 139 -21.43 21.05 10.63
N LYS A 140 -20.13 20.79 10.48
CA LYS A 140 -19.20 20.54 11.58
C LYS A 140 -19.47 19.24 12.33
N LYS A 141 -20.23 18.32 11.72
CA LYS A 141 -20.41 16.99 12.31
C LYS A 141 -19.17 16.18 11.99
N LEU A 142 -18.71 15.43 12.98
CA LEU A 142 -17.45 14.70 12.90
C LEU A 142 -17.68 13.25 12.49
N LYS A 143 -16.76 12.72 11.70
CA LYS A 143 -16.76 11.31 11.39
C LYS A 143 -15.31 10.83 11.23
N ILE A 144 -15.16 9.51 11.37
CA ILE A 144 -13.92 8.87 11.04
C ILE A 144 -14.05 8.39 9.61
N VAL A 145 -13.06 8.66 8.76
CA VAL A 145 -13.08 8.28 7.36
C VAL A 145 -11.83 7.46 7.05
N SER A 146 -12.06 6.33 6.33
CA SER A 146 -10.95 5.57 5.78
C SER A 146 -10.81 5.86 4.29
N THR A 147 -9.57 6.07 3.81
CA THR A 147 -9.35 6.31 2.39
C THR A 147 -8.25 5.42 1.84
N THR A 148 -8.23 5.29 0.50
CA THR A 148 -7.19 4.52 -0.19
C THR A 148 -6.22 5.48 -0.86
N GLY A 149 -4.98 5.02 -1.10
CA GLY A 149 -3.95 5.82 -1.72
C GLY A 149 -3.69 7.09 -0.92
N GLN A 150 -3.73 8.25 -1.61
CA GLN A 150 -3.59 9.54 -0.96
C GLN A 150 -4.91 10.28 -1.07
N ASP A 151 -6.00 9.55 -1.31
CA ASP A 151 -7.32 10.14 -1.29
C ASP A 151 -7.58 10.65 0.13
N ASN A 152 -8.47 11.62 0.21
CA ASN A 152 -8.62 12.37 1.46
C ASN A 152 -10.01 12.96 1.47
N PRO A 153 -10.46 13.44 2.65
CA PRO A 153 -11.84 13.90 2.75
C PRO A 153 -12.24 15.16 2.00
N LEU A 154 -11.26 15.95 1.51
CA LEU A 154 -11.60 17.08 0.67
C LEU A 154 -12.44 16.60 -0.51
N MET A 155 -12.12 15.40 -1.00
CA MET A 155 -12.74 14.82 -2.18
C MET A 155 -14.22 14.52 -1.93
N THR A 156 -14.61 14.34 -0.66
CA THR A 156 -16.01 14.04 -0.34
C THR A 156 -16.68 15.23 0.36
N GLY A 157 -16.08 16.42 0.17
CA GLY A 157 -16.67 17.68 0.60
C GLY A 157 -16.51 17.94 2.10
N ASP A 158 -15.57 17.26 2.73
CA ASP A 158 -15.40 17.43 4.17
C ASP A 158 -14.09 18.15 4.43
N ALA A 159 -13.93 18.57 5.69
CA ALA A 159 -12.76 19.27 6.17
C ALA A 159 -11.93 18.31 7.03
N PRO A 160 -10.76 17.84 6.57
CA PRO A 160 -9.92 16.95 7.37
C PRO A 160 -9.38 17.71 8.57
N LEU A 161 -9.47 17.15 9.78
CA LEU A 161 -8.91 17.75 11.00
C LEU A 161 -7.59 17.09 11.40
N MET A 162 -7.48 15.78 11.19
CA MET A 162 -6.32 15.00 11.56
C MET A 162 -6.33 13.76 10.64
N GLY A 163 -5.17 13.22 10.32
CA GLY A 163 -5.13 11.95 9.64
C GLY A 163 -3.84 11.24 10.05
N ILE A 164 -3.89 9.90 10.03
CA ILE A 164 -2.73 9.07 10.27
C ILE A 164 -2.41 8.35 8.96
N ASP A 165 -1.13 8.40 8.55
CA ASP A 165 -0.64 7.70 7.37
C ASP A 165 -0.48 6.22 7.70
N ILE A 166 -1.19 5.35 6.93
CA ILE A 166 -1.11 3.90 7.09
C ILE A 166 -0.40 3.21 5.93
N TRP A 167 0.20 3.96 5.01
CA TRP A 167 1.15 3.39 4.09
C TRP A 167 2.25 2.72 4.87
N GLU A 168 2.74 1.57 4.38
CA GLU A 168 3.80 0.89 5.09
C GLU A 168 5.06 1.74 5.25
N HIS A 169 5.44 2.60 4.30
CA HIS A 169 6.61 3.46 4.47
C HIS A 169 6.53 4.36 5.71
N ALA A 170 5.35 4.62 6.25
CA ALA A 170 5.22 5.48 7.43
C ALA A 170 5.74 4.78 8.68
N TYR A 171 5.78 3.44 8.68
CA TYR A 171 6.08 2.70 9.91
C TYR A 171 6.97 1.49 9.77
N TYR A 172 7.35 1.08 8.56
CA TYR A 172 7.93 -0.25 8.43
C TYR A 172 9.32 -0.30 9.04
N LEU A 173 10.12 0.77 8.97
CA LEU A 173 11.50 0.66 9.45
C LEU A 173 11.55 0.40 10.95
N HIS A 174 10.69 1.06 11.73
CA HIS A 174 10.72 0.89 13.17
C HIS A 174 9.77 -0.21 13.67
N TYR A 175 8.67 -0.46 12.96
CA TYR A 175 7.58 -1.31 13.47
C TYR A 175 7.34 -2.57 12.62
N GLN A 176 7.92 -2.60 11.42
CA GLN A 176 7.65 -3.64 10.45
C GLN A 176 6.13 -3.87 10.37
N ASN A 177 5.72 -5.13 10.51
CA ASN A 177 4.33 -5.50 10.39
C ASN A 177 3.45 -5.08 11.57
N ARG A 178 4.06 -4.61 12.67
CA ARG A 178 3.33 -4.28 13.90
C ARG A 178 2.69 -2.90 13.78
N ARG A 179 1.78 -2.76 12.83
CA ARG A 179 1.07 -1.52 12.57
C ARG A 179 0.32 -1.01 13.80
N PRO A 180 -0.36 -1.88 14.59
CA PRO A 180 -1.03 -1.42 15.80
C PRO A 180 -0.13 -0.71 16.80
N GLU A 181 1.15 -1.14 16.88
CA GLU A 181 2.14 -0.51 17.75
CA GLU A 181 2.07 -0.49 17.80
C GLU A 181 2.44 0.91 17.26
N TYR A 182 2.47 1.06 15.92
CA TYR A 182 2.70 2.36 15.33
C TYR A 182 1.53 3.28 15.65
N ILE A 183 0.31 2.75 15.46
CA ILE A 183 -0.88 3.54 15.72
C ILE A 183 -0.92 3.99 17.16
N GLU A 184 -0.69 3.07 18.09
CA GLU A 184 -0.74 3.37 19.51
C GLU A 184 0.27 4.45 19.86
N ASN A 185 1.48 4.33 19.33
CA ASN A 185 2.54 5.29 19.60
C ASN A 185 2.25 6.66 18.99
N TRP A 186 1.58 6.67 17.84
CA TRP A 186 1.32 7.93 17.15
C TRP A 186 0.53 8.91 18.03
N TRP A 187 -0.38 8.39 18.86
CA TRP A 187 -1.16 9.23 19.77
C TRP A 187 -0.25 10.11 20.63
N ASN A 188 0.96 9.65 20.89
CA ASN A 188 1.86 10.43 21.74
C ASN A 188 2.43 11.67 21.07
N VAL A 189 2.39 11.77 19.74
CA VAL A 189 2.89 12.96 19.07
C VAL A 189 1.77 13.73 18.40
N LEU A 190 0.52 13.30 18.54
CA LEU A 190 -0.56 14.09 17.95
C LEU A 190 -0.69 15.42 18.71
N ASP A 191 -0.73 16.51 17.96
CA ASP A 191 -0.92 17.84 18.47
C ASP A 191 -2.39 18.21 18.44
N TRP A 192 -3.07 18.02 19.56
CA TRP A 192 -4.48 18.33 19.67
C TRP A 192 -4.75 19.82 19.46
N LYS A 193 -3.76 20.67 19.79
CA LYS A 193 -3.96 22.11 19.64
C LYS A 193 -4.11 22.48 18.17
N ALA A 194 -3.35 21.78 17.30
CA ALA A 194 -3.39 22.05 15.88
C ALA A 194 -4.72 21.53 15.29
N VAL A 195 -5.17 20.36 15.78
CA VAL A 195 -6.44 19.79 15.34
C VAL A 195 -7.56 20.74 15.73
N GLU A 196 -7.49 21.27 16.95
CA GLU A 196 -8.45 22.25 17.45
C GLU A 196 -8.44 23.50 16.58
N GLU A 197 -7.24 24.00 16.21
CA GLU A 197 -7.16 25.19 15.35
C GLU A 197 -7.97 24.98 14.09
N ARG A 198 -7.83 23.79 13.49
CA ARG A 198 -8.53 23.49 12.25
C ARG A 198 -10.03 23.44 12.48
N TYR A 199 -10.46 22.76 13.55
CA TYR A 199 -11.88 22.62 13.84
C TYR A 199 -12.50 23.99 14.12
N ASN A 200 -11.78 24.80 14.90
CA ASN A 200 -12.24 26.09 15.35
C ASN A 200 -12.46 27.00 14.15
N ALA A 201 -11.57 26.89 13.16
CA ALA A 201 -11.62 27.76 11.99
C ALA A 201 -12.94 27.56 11.24
N LEU A 202 -13.56 26.39 11.41
CA LEU A 202 -14.78 26.09 10.68
C LEU A 202 -15.94 26.90 11.29
N GLY A 203 -15.74 27.50 12.48
CA GLY A 203 -16.56 28.60 12.96
C GLY A 203 -18.03 28.22 13.09
N LYS B 2 -8.25 -24.87 7.71
CA LYS B 2 -7.54 -25.96 6.99
CA LYS B 2 -7.49 -25.97 7.03
C LYS B 2 -6.47 -25.40 6.03
N HIS B 3 -6.62 -24.17 5.53
CA HIS B 3 -5.54 -23.64 4.69
C HIS B 3 -4.30 -23.45 5.55
N GLU B 4 -3.13 -23.79 5.01
CA GLU B 4 -1.89 -23.86 5.77
C GLU B 4 -0.85 -23.00 5.04
N LEU B 5 0.11 -22.47 5.79
CA LEU B 5 1.20 -21.75 5.19
C LEU B 5 2.20 -22.77 4.65
N PRO B 6 2.52 -22.73 3.35
CA PRO B 6 3.58 -23.58 2.81
C PRO B 6 4.96 -23.15 3.33
N PRO B 7 5.92 -24.07 3.50
CA PRO B 7 7.25 -23.70 3.98
C PRO B 7 7.86 -22.93 2.82
N LEU B 8 8.88 -22.09 3.07
CA LEU B 8 9.65 -21.56 1.96
C LEU B 8 10.42 -22.70 1.32
N PRO B 9 10.60 -22.69 -0.01
CA PRO B 9 11.47 -23.69 -0.63
C PRO B 9 12.97 -23.52 -0.39
N TYR B 10 13.38 -22.58 0.47
CA TYR B 10 14.78 -22.23 0.68
C TYR B 10 14.87 -21.54 2.04
N ALA B 11 16.11 -21.45 2.54
CA ALA B 11 16.46 -20.81 3.80
C ALA B 11 16.10 -19.32 3.73
N TYR B 12 15.80 -18.70 4.90
CA TYR B 12 15.47 -17.29 5.02
C TYR B 12 16.62 -16.38 4.52
N ASN B 13 17.86 -16.87 4.51
CA ASN B 13 18.98 -16.09 4.02
C ASN B 13 19.35 -16.43 2.57
N ALA B 14 18.55 -17.23 1.87
CA ALA B 14 18.97 -17.80 0.59
C ALA B 14 18.89 -16.79 -0.57
N LEU B 15 18.12 -15.70 -0.44
CA LEU B 15 18.01 -14.75 -1.54
C LEU B 15 18.88 -13.51 -1.30
N GLU B 16 19.74 -13.53 -0.26
CA GLU B 16 20.72 -12.48 0.00
C GLU B 16 21.67 -12.36 -1.18
N PRO B 17 22.15 -11.15 -1.54
CA PRO B 17 21.74 -9.90 -0.89
C PRO B 17 20.53 -9.17 -1.48
N PHE B 18 19.82 -9.86 -2.38
CA PHE B 18 18.78 -9.26 -3.22
C PHE B 18 17.51 -9.05 -2.40
N ILE B 19 17.17 -10.06 -1.60
CA ILE B 19 16.16 -9.90 -0.56
C ILE B 19 16.77 -10.30 0.76
N ASP B 20 16.63 -9.40 1.74
CA ASP B 20 17.21 -9.56 3.05
C ASP B 20 16.49 -10.65 3.85
N ALA B 21 17.26 -11.35 4.71
CA ALA B 21 16.72 -12.42 5.52
C ALA B 21 15.61 -11.94 6.45
N LYS B 22 15.77 -10.77 7.06
CA LYS B 22 14.78 -10.30 8.01
C LYS B 22 13.44 -10.12 7.30
N THR B 23 13.47 -9.51 6.11
CA THR B 23 12.30 -9.33 5.29
C THR B 23 11.70 -10.69 4.98
N LEU B 24 12.52 -11.60 4.46
CA LEU B 24 11.92 -12.86 4.07
C LEU B 24 11.23 -13.52 5.28
N GLU B 25 11.89 -13.47 6.45
CA GLU B 25 11.30 -14.01 7.67
C GLU B 25 9.96 -13.33 8.04
N ILE B 26 9.88 -12.00 8.06
CA ILE B 26 8.65 -11.32 8.44
C ILE B 26 7.59 -11.47 7.34
N HIS B 27 8.04 -11.36 6.08
CA HIS B 27 7.14 -11.39 4.94
C HIS B 27 6.39 -12.72 4.95
N HIS B 28 7.13 -13.80 5.25
CA HIS B 28 6.56 -15.12 5.25
C HIS B 28 5.78 -15.41 6.52
N THR B 29 6.47 -15.29 7.69
CA THR B 29 5.90 -15.78 8.92
C THR B 29 4.89 -14.80 9.53
N LYS B 30 4.84 -13.54 9.07
CA LYS B 30 3.87 -12.58 9.60
C LYS B 30 2.83 -12.24 8.53
N HIS B 31 3.24 -11.66 7.40
CA HIS B 31 2.32 -11.17 6.40
C HIS B 31 1.59 -12.36 5.75
N HIS B 32 2.33 -13.32 5.16
CA HIS B 32 1.68 -14.42 4.46
C HIS B 32 0.85 -15.26 5.44
N GLN B 33 1.43 -15.55 6.61
CA GLN B 33 0.69 -16.26 7.65
C GLN B 33 -0.63 -15.56 7.96
N SER B 34 -0.61 -14.21 8.01
CA SER B 34 -1.81 -13.50 8.38
C SER B 34 -2.89 -13.70 7.32
N TYR B 35 -2.49 -13.82 6.05
CA TYR B 35 -3.47 -14.00 4.99
C TYR B 35 -4.13 -15.37 5.19
N VAL B 36 -3.33 -16.38 5.55
CA VAL B 36 -3.85 -17.72 5.78
C VAL B 36 -4.83 -17.66 6.96
N ASP B 37 -4.38 -17.13 8.10
CA ASP B 37 -5.20 -17.06 9.30
C ASP B 37 -6.49 -16.27 9.06
N LYS B 38 -6.42 -15.17 8.31
CA LYS B 38 -7.64 -14.41 8.05
C LYS B 38 -8.58 -15.10 7.07
N LEU B 39 -8.01 -15.83 6.11
CA LEU B 39 -8.86 -16.55 5.17
C LEU B 39 -9.62 -17.66 5.92
N ASN B 40 -8.88 -18.34 6.79
CA ASN B 40 -9.46 -19.42 7.60
C ASN B 40 -10.55 -18.84 8.51
N ALA B 41 -10.28 -17.68 9.13
CA ALA B 41 -11.27 -17.08 10.02
C ALA B 41 -12.51 -16.72 9.21
N ALA B 42 -12.33 -16.20 8.00
CA ALA B 42 -13.47 -15.81 7.20
C ALA B 42 -14.35 -17.01 6.84
N LEU B 43 -13.70 -18.19 6.68
CA LEU B 43 -14.40 -19.34 6.18
C LEU B 43 -15.02 -20.13 7.33
N GLU B 44 -14.71 -19.78 8.59
CA GLU B 44 -15.08 -20.57 9.76
C GLU B 44 -16.58 -20.83 9.78
N LYS B 45 -17.40 -19.85 9.37
CA LYS B 45 -18.84 -20.00 9.49
C LYS B 45 -19.44 -20.71 8.28
N TYR B 46 -18.63 -21.16 7.32
CA TYR B 46 -19.13 -21.68 6.06
C TYR B 46 -18.40 -22.97 5.77
N PRO B 47 -18.78 -24.06 6.46
CA PRO B 47 -18.05 -25.32 6.31
C PRO B 47 -18.07 -25.86 4.87
N ASP B 48 -19.10 -25.47 4.08
CA ASP B 48 -19.17 -25.81 2.66
C ASP B 48 -18.05 -25.16 1.86
N LEU B 49 -17.61 -23.96 2.26
CA LEU B 49 -16.55 -23.31 1.49
C LEU B 49 -15.19 -23.82 1.95
N GLN B 50 -15.13 -24.56 3.06
CA GLN B 50 -13.85 -24.91 3.64
C GLN B 50 -13.16 -25.95 2.76
N ASP B 51 -13.86 -26.52 1.76
CA ASP B 51 -13.29 -27.54 0.90
C ASP B 51 -12.72 -26.94 -0.39
N LYS B 52 -12.88 -25.62 -0.60
CA LYS B 52 -12.52 -25.06 -1.89
C LYS B 52 -11.05 -24.69 -1.88
N THR B 53 -10.36 -24.82 -3.04
CA THR B 53 -8.99 -24.34 -3.19
C THR B 53 -9.00 -22.82 -3.18
N VAL B 54 -7.84 -22.21 -2.90
CA VAL B 54 -7.72 -20.76 -2.99
C VAL B 54 -8.13 -20.30 -4.40
N GLU B 55 -7.72 -21.09 -5.41
CA GLU B 55 -7.99 -20.78 -6.80
C GLU B 55 -9.51 -20.80 -7.06
N GLU B 56 -10.20 -21.81 -6.54
CA GLU B 56 -11.65 -21.92 -6.70
C GLU B 56 -12.34 -20.71 -6.06
N LEU B 57 -11.87 -20.31 -4.87
CA LEU B 57 -12.44 -19.17 -4.17
C LEU B 57 -12.27 -17.92 -5.02
N ILE B 58 -11.05 -17.65 -5.50
CA ILE B 58 -10.81 -16.44 -6.28
C ILE B 58 -11.66 -16.42 -7.56
N LYS B 59 -11.82 -17.56 -8.20
CA LYS B 59 -12.55 -17.60 -9.47
C LYS B 59 -14.06 -17.45 -9.26
N SER B 60 -14.51 -17.46 -8.00
CA SER B 60 -15.94 -17.48 -7.73
C SER B 60 -16.36 -16.38 -6.76
N LEU B 61 -15.55 -15.30 -6.64
CA LEU B 61 -15.76 -14.33 -5.57
C LEU B 61 -17.16 -13.73 -5.63
N ASN B 62 -17.63 -13.49 -6.84
CA ASN B 62 -18.95 -12.89 -7.03
C ASN B 62 -20.07 -13.78 -6.51
N GLU B 63 -19.83 -15.10 -6.41
CA GLU B 63 -20.84 -16.03 -5.91
C GLU B 63 -20.68 -16.28 -4.42
N LEU B 64 -19.66 -15.73 -3.77
CA LEU B 64 -19.46 -15.98 -2.34
C LEU B 64 -20.41 -15.12 -1.52
N PRO B 65 -20.72 -15.51 -0.26
CA PRO B 65 -21.53 -14.64 0.59
C PRO B 65 -20.87 -13.27 0.75
N GLU B 66 -21.73 -12.26 0.67
CA GLU B 66 -21.32 -10.88 0.72
C GLU B 66 -20.56 -10.60 2.02
N GLU B 67 -20.96 -11.26 3.12
CA GLU B 67 -20.32 -11.11 4.43
C GLU B 67 -18.80 -11.26 4.30
N ILE B 68 -18.33 -12.14 3.41
CA ILE B 68 -16.93 -12.53 3.45
C ILE B 68 -16.21 -12.22 2.12
N ARG B 69 -16.91 -11.63 1.16
CA ARG B 69 -16.43 -11.59 -0.20
C ARG B 69 -15.12 -10.83 -0.29
N THR B 70 -15.09 -9.62 0.30
CA THR B 70 -13.92 -8.78 0.23
C THR B 70 -12.79 -9.46 0.99
N THR B 71 -13.09 -10.01 2.17
CA THR B 71 -12.03 -10.64 2.96
C THR B 71 -11.43 -11.84 2.21
N VAL B 72 -12.27 -12.56 1.47
CA VAL B 72 -11.77 -13.68 0.66
C VAL B 72 -10.94 -13.17 -0.53
N ARG B 73 -11.44 -12.16 -1.27
CA ARG B 73 -10.67 -11.55 -2.34
C ARG B 73 -9.25 -11.20 -1.87
N ASN B 74 -9.17 -10.52 -0.73
CA ASN B 74 -7.91 -9.98 -0.24
C ASN B 74 -7.01 -11.07 0.34
N ASN B 75 -7.62 -12.03 1.06
CA ASN B 75 -6.81 -12.98 1.81
C ASN B 75 -6.55 -14.26 1.03
N ALA B 76 -7.55 -14.74 0.29
CA ALA B 76 -7.26 -15.78 -0.69
C ALA B 76 -6.28 -15.24 -1.73
N GLY B 77 -6.56 -14.02 -2.21
CA GLY B 77 -5.66 -13.36 -3.15
C GLY B 77 -4.26 -13.27 -2.55
N GLY B 78 -4.17 -12.85 -1.28
CA GLY B 78 -2.89 -12.76 -0.62
C GLY B 78 -2.16 -14.11 -0.51
N HIS B 79 -2.91 -15.15 -0.16
CA HIS B 79 -2.34 -16.48 0.00
C HIS B 79 -1.84 -16.99 -1.36
N PHE B 80 -2.69 -16.88 -2.38
CA PHE B 80 -2.32 -17.29 -3.72
C PHE B 80 -1.04 -16.54 -4.17
N SER B 81 -1.08 -15.21 -4.05
CA SER B 81 -0.03 -14.37 -4.61
C SER B 81 1.32 -14.64 -3.95
N HIS B 82 1.31 -14.76 -2.62
CA HIS B 82 2.57 -14.99 -1.94
C HIS B 82 3.09 -16.39 -2.23
N THR B 83 2.21 -17.40 -2.30
CA THR B 83 2.63 -18.77 -2.60
C THR B 83 3.39 -18.78 -3.92
N LEU B 84 2.83 -18.12 -4.92
CA LEU B 84 3.46 -18.06 -6.22
C LEU B 84 4.81 -17.32 -6.14
N TYR B 85 4.84 -16.17 -5.43
CA TYR B 85 6.03 -15.36 -5.31
C TYR B 85 7.18 -16.19 -4.75
N TRP B 86 6.97 -16.89 -3.62
CA TRP B 86 8.06 -17.68 -3.06
C TRP B 86 8.54 -18.71 -4.06
N ASN B 87 7.59 -19.32 -4.78
CA ASN B 87 7.90 -20.49 -5.60
C ASN B 87 8.51 -20.10 -6.94
N ILE B 88 8.46 -18.82 -7.31
CA ILE B 88 9.11 -18.40 -8.54
C ILE B 88 10.39 -17.63 -8.21
N MET B 89 10.85 -17.69 -6.96
CA MET B 89 12.17 -17.20 -6.65
C MET B 89 13.05 -18.39 -6.27
N ASN B 90 14.37 -18.21 -6.42
CA ASN B 90 15.35 -19.23 -6.02
C ASN B 90 16.66 -18.51 -5.72
N PRO B 91 17.59 -19.11 -4.96
CA PRO B 91 18.93 -18.56 -4.83
C PRO B 91 19.46 -18.24 -6.23
N ALA B 92 20.04 -17.04 -6.33
CA ALA B 92 20.55 -16.49 -7.57
C ALA B 92 21.57 -17.43 -8.19
N THR B 93 21.37 -17.73 -9.47
CA THR B 93 22.14 -18.67 -10.26
C THR B 93 22.36 -17.98 -11.61
N GLN B 94 23.14 -18.59 -12.50
CA GLN B 94 23.28 -18.07 -13.86
C GLN B 94 21.89 -18.02 -14.53
N GLU B 95 21.58 -16.88 -15.17
CA GLU B 95 20.31 -16.71 -15.85
C GLU B 95 20.21 -17.75 -16.96
N TYR B 96 19.28 -18.71 -16.85
CA TYR B 96 18.95 -19.55 -17.98
C TYR B 96 17.44 -19.49 -18.18
N ILE B 97 16.99 -18.93 -19.31
CA ILE B 97 15.58 -18.87 -19.61
C ILE B 97 15.24 -20.03 -20.54
N PRO B 98 14.41 -21.00 -20.12
CA PRO B 98 14.04 -22.10 -21.02
C PRO B 98 13.46 -21.60 -22.33
N GLU B 99 13.77 -22.40 -23.34
CA GLU B 99 13.52 -22.10 -24.72
C GLU B 99 12.08 -21.69 -25.01
N GLU B 100 11.10 -22.47 -24.55
CA GLU B 100 9.71 -22.25 -24.93
C GLU B 100 9.28 -20.86 -24.46
N LEU B 101 9.59 -20.58 -23.20
CA LEU B 101 9.20 -19.30 -22.61
C LEU B 101 10.01 -18.16 -23.23
N GLY B 102 11.32 -18.38 -23.39
CA GLY B 102 12.19 -17.39 -23.99
C GLY B 102 11.68 -16.95 -25.35
N ASN B 103 11.35 -17.95 -26.17
CA ASN B 103 10.85 -17.71 -27.51
C ASN B 103 9.55 -16.94 -27.45
N ALA B 104 8.63 -17.30 -26.53
CA ALA B 104 7.35 -16.62 -26.41
C ALA B 104 7.54 -15.16 -25.95
N LEU B 105 8.48 -14.92 -25.05
CA LEU B 105 8.80 -13.56 -24.63
C LEU B 105 9.34 -12.73 -25.78
N VAL B 106 10.27 -13.34 -26.55
CA VAL B 106 10.87 -12.66 -27.71
C VAL B 106 9.78 -12.38 -28.74
N GLU B 107 8.89 -13.34 -29.00
CA GLU B 107 7.86 -13.13 -30.02
C GLU B 107 6.90 -12.05 -29.55
N THR B 108 6.63 -11.95 -28.25
CA THR B 108 5.57 -11.07 -27.80
C THR B 108 6.09 -9.65 -27.59
N PHE B 109 7.28 -9.52 -26.97
CA PHE B 109 7.82 -8.23 -26.53
C PHE B 109 8.99 -7.76 -27.38
N GLY B 110 9.50 -8.63 -28.28
CA GLY B 110 10.58 -8.22 -29.18
C GLY B 110 11.93 -8.77 -28.73
N SER B 111 12.14 -8.81 -27.42
CA SER B 111 13.37 -9.35 -26.86
C SER B 111 13.16 -9.57 -25.37
N ILE B 112 14.07 -10.33 -24.77
CA ILE B 112 14.04 -10.53 -23.31
C ILE B 112 14.22 -9.19 -22.61
N ILE B 113 15.15 -8.38 -23.13
CA ILE B 113 15.46 -7.12 -22.46
C ILE B 113 14.25 -6.19 -22.55
N ALA B 114 13.55 -6.15 -23.71
CA ALA B 114 12.32 -5.37 -23.86
C ALA B 114 11.27 -5.83 -22.88
N PHE B 115 11.11 -7.14 -22.68
CA PHE B 115 10.16 -7.65 -21.68
C PHE B 115 10.54 -7.16 -20.28
N LYS B 116 11.82 -7.30 -19.91
CA LYS B 116 12.28 -6.94 -18.59
C LYS B 116 12.06 -5.45 -18.35
N GLU B 117 12.26 -4.67 -19.39
CA GLU B 117 12.04 -3.22 -19.32
C GLU B 117 10.55 -2.91 -19.09
N GLN B 118 9.64 -3.50 -19.88
CA GLN B 118 8.21 -3.22 -19.75
C GLN B 118 7.70 -3.68 -18.37
N PHE B 119 8.17 -4.86 -17.95
CA PHE B 119 7.78 -5.39 -16.67
C PHE B 119 8.27 -4.46 -15.54
N SER B 120 9.53 -4.04 -15.60
CA SER B 120 10.14 -3.22 -14.54
C SER B 120 9.46 -1.86 -14.47
N LYS B 121 9.12 -1.33 -15.65
CA LYS B 121 8.45 -0.04 -15.75
C LYS B 121 7.06 -0.14 -15.11
N ALA B 122 6.32 -1.22 -15.38
CA ALA B 122 5.01 -1.39 -14.75
C ALA B 122 5.15 -1.45 -13.23
N ALA B 123 6.17 -2.17 -12.75
CA ALA B 123 6.40 -2.30 -11.32
C ALA B 123 6.78 -0.95 -10.69
N ALA B 124 7.60 -0.16 -11.39
CA ALA B 124 8.00 1.14 -10.87
C ALA B 124 6.81 2.08 -10.80
N ASN B 125 5.81 1.86 -11.66
CA ASN B 125 4.67 2.75 -11.79
C ASN B 125 3.49 2.34 -10.91
N ILE B 126 3.57 1.23 -10.16
CA ILE B 126 2.49 0.90 -9.25
C ILE B 126 2.32 2.05 -8.26
N PHE B 127 1.08 2.51 -8.12
CA PHE B 127 0.70 3.45 -7.09
C PHE B 127 0.05 2.70 -5.92
N GLY B 128 0.67 2.82 -4.75
CA GLY B 128 0.14 2.20 -3.55
C GLY B 128 0.56 0.73 -3.54
N SER B 129 -0.33 -0.10 -3.03
CA SER B 129 0.02 -1.50 -2.81
C SER B 129 -0.44 -2.31 -4.01
N GLY B 130 0.42 -3.19 -4.52
CA GLY B 130 -0.02 -4.05 -5.60
C GLY B 130 1.05 -5.01 -6.09
N TRP B 131 0.77 -5.54 -7.28
CA TRP B 131 1.59 -6.54 -7.94
C TRP B 131 1.74 -6.25 -9.43
N VAL B 132 2.82 -6.80 -10.01
CA VAL B 132 2.92 -6.86 -11.46
C VAL B 132 3.18 -8.32 -11.81
N TRP B 133 2.49 -8.77 -12.84
CA TRP B 133 2.47 -10.17 -13.26
C TRP B 133 2.83 -10.32 -14.71
N LEU B 134 3.46 -11.46 -15.00
CA LEU B 134 3.41 -12.03 -16.33
C LEU B 134 2.36 -13.13 -16.31
N ALA B 135 1.40 -13.02 -17.22
CA ALA B 135 0.24 -13.89 -17.29
C ALA B 135 0.04 -14.38 -18.73
N ALA B 136 -0.55 -15.59 -18.85
CA ALA B 136 -0.89 -16.19 -20.14
C ALA B 136 -2.38 -16.39 -20.24
N ASP B 137 -2.93 -16.24 -21.45
CA ASP B 137 -4.33 -16.57 -21.67
C ASP B 137 -4.43 -18.04 -22.11
N ALA B 138 -5.64 -18.47 -22.46
CA ALA B 138 -5.90 -19.87 -22.78
C ALA B 138 -5.00 -20.37 -23.93
N ASN B 139 -4.59 -19.44 -24.80
CA ASN B 139 -3.81 -19.75 -25.99
C ASN B 139 -2.31 -19.50 -25.80
N LYS B 140 -1.89 -19.31 -24.54
CA LYS B 140 -0.50 -19.07 -24.17
C LYS B 140 0.02 -17.74 -24.72
N LYS B 141 -0.89 -16.79 -25.04
CA LYS B 141 -0.45 -15.43 -25.36
C LYS B 141 -0.11 -14.73 -24.04
N LEU B 142 1.00 -14.00 -24.04
CA LEU B 142 1.55 -13.42 -22.81
C LEU B 142 1.18 -11.94 -22.70
N LYS B 143 0.99 -11.48 -21.47
CA LYS B 143 0.83 -10.06 -21.21
C LYS B 143 1.35 -9.74 -19.82
N ILE B 144 1.67 -8.46 -19.63
CA ILE B 144 2.06 -7.93 -18.33
C ILE B 144 0.80 -7.31 -17.75
N VAL B 145 0.51 -7.61 -16.49
CA VAL B 145 -0.68 -7.15 -15.80
C VAL B 145 -0.27 -6.48 -14.50
N SER B 146 -0.81 -5.27 -14.28
CA SER B 146 -0.73 -4.60 -12.99
C SER B 146 -2.02 -4.81 -12.20
N THR B 147 -1.87 -5.10 -10.92
CA THR B 147 -3.03 -5.23 -10.04
C THR B 147 -2.80 -4.41 -8.77
N THR B 148 -3.91 -4.13 -8.09
CA THR B 148 -3.94 -3.44 -6.81
C THR B 148 -4.22 -4.45 -5.68
N GLY B 149 -3.85 -4.11 -4.45
CA GLY B 149 -4.07 -5.00 -3.34
C GLY B 149 -3.35 -6.33 -3.51
N GLN B 150 -4.09 -7.43 -3.28
CA GLN B 150 -3.60 -8.77 -3.56
C GLN B 150 -4.34 -9.35 -4.76
N ASP B 151 -4.93 -8.50 -5.60
CA ASP B 151 -5.60 -9.01 -6.78
C ASP B 151 -4.56 -9.63 -7.70
N ASN B 152 -5.05 -10.49 -8.59
CA ASN B 152 -4.16 -11.32 -9.35
C ASN B 152 -4.88 -11.72 -10.61
N PRO B 153 -4.15 -12.23 -11.64
CA PRO B 153 -4.78 -12.50 -12.93
C PRO B 153 -5.81 -13.62 -13.01
N LEU B 154 -5.87 -14.46 -11.99
CA LEU B 154 -6.94 -15.45 -11.92
C LEU B 154 -8.29 -14.77 -11.99
N MET B 155 -8.37 -13.57 -11.40
CA MET B 155 -9.60 -12.83 -11.31
C MET B 155 -10.07 -12.38 -12.70
N THR B 156 -9.19 -12.29 -13.69
CA THR B 156 -9.60 -11.94 -15.04
C THR B 156 -9.51 -13.13 -15.99
N GLY B 157 -9.44 -14.34 -15.41
CA GLY B 157 -9.48 -15.58 -16.18
C GLY B 157 -8.17 -15.90 -16.88
N ASP B 158 -7.07 -15.35 -16.40
CA ASP B 158 -5.77 -15.60 -16.98
C ASP B 158 -4.96 -16.46 -16.03
N ALA B 159 -3.85 -17.02 -16.53
CA ALA B 159 -2.94 -17.84 -15.77
C ALA B 159 -1.71 -17.02 -15.39
N PRO B 160 -1.51 -16.69 -14.11
CA PRO B 160 -0.28 -16.03 -13.67
C PRO B 160 0.91 -16.99 -13.82
N LEU B 161 2.00 -16.53 -14.44
CA LEU B 161 3.24 -17.28 -14.55
C LEU B 161 4.26 -16.85 -13.48
N MET B 162 4.34 -15.54 -13.23
CA MET B 162 5.33 -14.92 -12.33
C MET B 162 4.65 -13.64 -11.83
N GLY B 163 5.01 -13.19 -10.63
CA GLY B 163 4.57 -11.87 -10.20
C GLY B 163 5.58 -11.31 -9.22
N ILE B 164 5.75 -9.98 -9.19
CA ILE B 164 6.60 -9.30 -8.20
C ILE B 164 5.73 -8.52 -7.23
N ASP B 165 5.98 -8.71 -5.93
CA ASP B 165 5.26 -8.02 -4.86
C ASP B 165 5.80 -6.59 -4.80
N ILE B 166 4.90 -5.60 -4.99
CA ILE B 166 5.24 -4.18 -4.92
C ILE B 166 4.69 -3.51 -3.67
N TRP B 167 4.10 -4.26 -2.75
CA TRP B 167 3.81 -3.72 -1.44
C TRP B 167 5.13 -3.32 -0.79
N GLU B 168 5.08 -2.22 -0.06
CA GLU B 168 6.27 -1.66 0.54
C GLU B 168 6.90 -2.65 1.53
N HIS B 169 6.12 -3.46 2.25
CA HIS B 169 6.71 -4.47 3.14
C HIS B 169 7.66 -5.43 2.41
N ALA B 170 7.53 -5.58 1.09
CA ALA B 170 8.36 -6.53 0.34
C ALA B 170 9.79 -6.03 0.24
N TYR B 171 10.00 -4.69 0.38
CA TYR B 171 11.30 -4.10 0.07
C TYR B 171 11.76 -2.98 1.00
N TYR B 172 10.94 -2.54 1.96
CA TYR B 172 11.26 -1.31 2.65
C TYR B 172 12.48 -1.51 3.57
N LEU B 173 12.66 -2.68 4.20
CA LEU B 173 13.75 -2.78 5.17
C LEU B 173 15.12 -2.59 4.50
N HIS B 174 15.32 -3.18 3.32
CA HIS B 174 16.62 -3.11 2.63
C HIS B 174 16.70 -1.91 1.68
N TYR B 175 15.59 -1.48 1.07
CA TYR B 175 15.62 -0.55 -0.04
C TYR B 175 14.92 0.78 0.28
N GLN B 176 14.18 0.82 1.41
CA GLN B 176 13.30 1.93 1.72
C GLN B 176 12.55 2.36 0.47
N ASN B 177 12.63 3.65 0.13
CA ASN B 177 11.88 4.21 -0.98
C ASN B 177 12.40 3.79 -2.35
N ARG B 178 13.59 3.18 -2.39
CA ARG B 178 14.24 2.85 -3.67
C ARG B 178 13.65 1.58 -4.29
N ARG B 179 12.35 1.61 -4.57
CA ARG B 179 11.66 0.50 -5.22
C ARG B 179 12.37 0.04 -6.50
N PRO B 180 12.85 0.93 -7.40
CA PRO B 180 13.54 0.50 -8.62
C PRO B 180 14.75 -0.41 -8.37
N GLU B 181 15.45 -0.16 -7.25
CA GLU B 181 16.60 -0.97 -6.87
CA GLU B 181 16.61 -0.97 -6.89
C GLU B 181 16.13 -2.38 -6.51
N TYR B 182 14.99 -2.47 -5.81
CA TYR B 182 14.46 -3.78 -5.47
C TYR B 182 14.03 -4.51 -6.73
N ILE B 183 13.36 -3.80 -7.63
CA ILE B 183 12.90 -4.40 -8.86
C ILE B 183 14.07 -4.95 -9.68
N GLU B 184 15.11 -4.12 -9.83
CA GLU B 184 16.25 -4.48 -10.63
C GLU B 184 16.90 -5.72 -10.04
N ASN B 185 17.01 -5.74 -8.71
CA ASN B 185 17.65 -6.85 -8.00
C ASN B 185 16.83 -8.13 -8.08
N TRP B 186 15.50 -7.99 -8.14
CA TRP B 186 14.62 -9.16 -8.08
C TRP B 186 14.86 -10.09 -9.27
N TRP B 187 15.22 -9.54 -10.43
CA TRP B 187 15.52 -10.37 -11.59
C TRP B 187 16.58 -11.40 -11.26
N ASN B 188 17.47 -11.10 -10.31
CA ASN B 188 18.57 -12.01 -10.01
C ASN B 188 18.10 -13.26 -9.29
N VAL B 189 16.94 -13.22 -8.63
CA VAL B 189 16.43 -14.38 -7.92
C VAL B 189 15.21 -14.99 -8.61
N LEU B 190 14.80 -14.47 -9.75
CA LEU B 190 13.68 -15.08 -10.45
C LEU B 190 14.06 -16.46 -10.93
N ASP B 191 13.25 -17.48 -10.62
CA ASP B 191 13.44 -18.84 -11.09
C ASP B 191 12.72 -19.06 -12.40
N TRP B 192 13.44 -18.88 -13.52
CA TRP B 192 12.79 -19.00 -14.80
C TRP B 192 12.31 -20.43 -15.04
N LYS B 193 12.96 -21.42 -14.38
CA LYS B 193 12.58 -22.83 -14.54
C LYS B 193 11.15 -23.05 -14.03
N ALA B 194 10.81 -22.39 -12.91
CA ALA B 194 9.48 -22.49 -12.32
C ALA B 194 8.46 -21.79 -13.19
N VAL B 195 8.83 -20.65 -13.76
CA VAL B 195 7.92 -19.87 -14.59
C VAL B 195 7.61 -20.72 -15.84
N GLU B 196 8.65 -21.30 -16.40
CA GLU B 196 8.50 -22.17 -17.56
C GLU B 196 7.64 -23.37 -17.19
N GLU B 197 7.82 -23.98 -16.00
CA GLU B 197 6.99 -25.12 -15.61
C GLU B 197 5.51 -24.74 -15.70
N ARG B 198 5.16 -23.54 -15.20
CA ARG B 198 3.77 -23.10 -15.23
C ARG B 198 3.29 -22.89 -16.67
N TYR B 199 4.12 -22.27 -17.49
CA TYR B 199 3.75 -21.97 -18.85
C TYR B 199 3.57 -23.27 -19.63
N ASN B 200 4.50 -24.22 -19.40
CA ASN B 200 4.48 -25.48 -20.09
C ASN B 200 3.21 -26.26 -19.78
N ALA B 201 2.80 -26.22 -18.51
CA ALA B 201 1.59 -26.87 -18.03
C ALA B 201 0.36 -26.45 -18.83
N LEU B 202 0.37 -25.24 -19.37
CA LEU B 202 -0.77 -24.72 -20.11
C LEU B 202 -0.88 -25.39 -21.48
N GLY B 203 0.12 -26.17 -21.88
CA GLY B 203 -0.09 -27.25 -22.85
C GLY B 203 -0.47 -26.74 -24.21
MN MN C . 3.28 8.74 3.51
MN MN D . 3.62 -9.16 0.36
#